data_5FWG
#
_entry.id   5FWG
#
_cell.length_a   86.939
_cell.length_b   68.747
_cell.length_c   80.539
_cell.angle_alpha   90.00
_cell.angle_beta   105.08
_cell.angle_gamma   90.00
#
_symmetry.space_group_name_H-M   'C 1 2 1'
#
loop_
_entity.id
_entity.type
_entity.pdbx_description
1 polymer 'TETRA-(5-FLUOROTRYPTOPHANYL)-GLUTATHIONE TRANSFERASE MU CLASS'
2 non-polymer (9R,10R)-9-(S-GLUTATHIONYL)-10-HYDROXY-9,10-DIHYDROPHENANTHRENE
3 water water
#
_entity_poly.entity_id   1
_entity_poly.type   'polypeptide(L)'
_entity_poly.pdbx_seq_one_letter_code
;PMILGY(FTR)NVRGLTHPIRLLLEYTDSSYEEKRYAMGDAPDYDRSQ(FTR)LNEKFKLGLDFPNLPYLIDGSRKITQS
NAIMRYLARKHHLCGETEEERIRADIVENQVMDNRMQLIMLCYNPDFEKQKPEFLKTIPEKMKLYSEFLGKRP(FTR)FA
GDKVTYVDFLAYDILDQYHIFEPKCLDAFPNLKDFLARFEGLKKISAYMKSSRYLSTPIFSKLAQ(FTR)SNK
;
_entity_poly.pdbx_strand_id   A,B
#
loop_
_chem_comp.id
_chem_comp.type
_chem_comp.name
_chem_comp.formula
GPR non-polymer (9R,10R)-9-(S-GLUTATHIONYL)-10-HYDROXY-9,10-DIHYDROPHENANTHRENE 'C24 H27 N3 O7 S'
#
# COMPACT_ATOMS: atom_id res chain seq x y z
N PRO A 1 3.52 -17.86 -22.36
CA PRO A 1 4.11 -16.94 -21.39
C PRO A 1 3.17 -15.93 -20.73
N MET A 2 3.53 -15.59 -19.49
CA MET A 2 2.83 -14.55 -18.75
C MET A 2 3.27 -13.24 -19.39
N ILE A 3 2.43 -12.20 -19.25
CA ILE A 3 2.78 -10.91 -19.77
C ILE A 3 2.77 -9.97 -18.63
N LEU A 4 3.79 -9.17 -18.65
CA LEU A 4 4.01 -8.14 -17.67
C LEU A 4 3.88 -6.83 -18.36
N GLY A 5 2.91 -6.04 -17.88
CA GLY A 5 2.73 -4.76 -18.47
C GLY A 5 3.10 -3.70 -17.51
N TYR A 6 3.82 -2.70 -18.02
CA TYR A 6 4.24 -1.59 -17.20
C TYR A 6 4.74 -0.56 -18.10
N FTR A 7 4.98 0.60 -17.53
CA FTR A 7 5.54 1.65 -18.34
CB FTR A 7 5.63 3.01 -17.60
CG FTR A 7 4.30 3.62 -17.27
CD2 FTR A 7 3.43 4.34 -18.17
CE2 FTR A 7 2.30 4.74 -17.45
CE3 FTR A 7 3.51 4.68 -19.50
CD1 FTR A 7 3.66 3.58 -16.08
NE1 FTR A 7 2.42 4.22 -16.19
CZ2 FTR A 7 1.21 5.36 -18.08
CZ3 FTR A 7 2.46 5.31 -20.12
F FTR A 7 2.59 5.60 -21.43
CH2 FTR A 7 1.29 5.64 -19.43
C FTR A 7 6.96 1.17 -18.68
O FTR A 7 7.47 0.15 -18.17
N ASN A 8 7.62 1.96 -19.47
CA ASN A 8 8.96 1.73 -19.93
C ASN A 8 10.03 2.46 -19.05
N VAL A 9 9.89 2.27 -17.74
CA VAL A 9 10.81 2.87 -16.74
C VAL A 9 10.87 1.94 -15.54
N ARG A 10 11.70 2.21 -14.59
CA ARG A 10 11.75 1.34 -13.45
C ARG A 10 10.51 1.42 -12.51
N GLY A 11 10.02 2.62 -12.27
CA GLY A 11 8.85 2.87 -11.48
C GLY A 11 8.77 2.07 -10.19
N LEU A 12 7.69 1.30 -10.06
CA LEU A 12 7.57 0.47 -8.88
C LEU A 12 7.55 -0.93 -9.31
N THR A 13 7.87 -1.16 -10.59
CA THR A 13 7.82 -2.52 -11.05
C THR A 13 9.15 -3.27 -10.96
N HIS A 14 10.21 -2.57 -10.70
CA HIS A 14 11.43 -3.36 -10.59
C HIS A 14 11.28 -4.68 -9.82
N PRO A 15 10.61 -4.67 -8.63
CA PRO A 15 10.51 -5.89 -7.88
C PRO A 15 9.91 -7.08 -8.61
N ILE A 16 8.92 -6.80 -9.47
CA ILE A 16 8.29 -7.93 -10.23
C ILE A 16 9.33 -8.55 -11.18
N ARG A 17 9.90 -7.61 -11.89
CA ARG A 17 10.87 -8.02 -12.86
C ARG A 17 11.93 -8.88 -12.19
N LEU A 18 12.43 -8.46 -11.03
CA LEU A 18 13.46 -9.31 -10.43
C LEU A 18 12.92 -10.67 -10.07
N LEU A 19 11.65 -10.68 -9.64
CA LEU A 19 11.09 -11.91 -9.14
C LEU A 19 10.82 -12.88 -10.23
N LEU A 20 10.33 -12.30 -11.32
CA LEU A 20 10.09 -13.18 -12.46
C LEU A 20 11.42 -13.86 -12.85
N GLU A 21 12.41 -13.05 -13.01
CA GLU A 21 13.72 -13.58 -13.33
C GLU A 21 14.15 -14.65 -12.32
N TYR A 22 14.21 -14.22 -11.09
CA TYR A 22 14.61 -15.11 -10.01
C TYR A 22 13.88 -16.44 -10.01
N THR A 23 12.57 -16.37 -10.31
CA THR A 23 11.79 -17.59 -10.31
C THR A 23 11.79 -18.27 -11.67
N ASP A 24 12.50 -17.65 -12.60
CA ASP A 24 12.60 -18.21 -13.97
C ASP A 24 11.26 -18.52 -14.56
N SER A 25 10.42 -17.54 -14.36
CA SER A 25 9.07 -17.59 -14.89
C SER A 25 9.20 -17.42 -16.39
N SER A 26 8.33 -18.01 -17.15
CA SER A 26 8.35 -17.82 -18.59
C SER A 26 7.48 -16.59 -18.81
N TYR A 27 8.03 -15.47 -19.35
CA TYR A 27 7.22 -14.27 -19.54
C TYR A 27 7.72 -13.30 -20.61
N GLU A 28 6.85 -12.35 -20.93
CA GLU A 28 7.05 -11.36 -21.97
C GLU A 28 6.72 -10.01 -21.42
N GLU A 29 7.20 -8.96 -22.01
CA GLU A 29 6.81 -7.69 -21.42
C GLU A 29 6.29 -6.81 -22.52
N LYS A 30 5.61 -5.77 -22.11
CA LYS A 30 4.95 -4.69 -22.82
C LYS A 30 5.11 -3.48 -21.90
N ARG A 31 6.14 -2.74 -22.29
CA ARG A 31 6.58 -1.59 -21.62
C ARG A 31 6.05 -0.49 -22.43
N TYR A 32 4.90 -0.04 -22.01
CA TYR A 32 4.30 1.08 -22.61
C TYR A 32 5.26 2.22 -22.57
N ALA A 33 5.31 3.05 -23.63
CA ALA A 33 6.24 4.19 -23.69
C ALA A 33 5.47 5.51 -23.73
N MET A 34 5.77 6.39 -22.81
CA MET A 34 5.07 7.68 -22.70
C MET A 34 5.67 8.70 -23.62
N GLY A 35 4.92 9.66 -24.07
CA GLY A 35 5.55 10.60 -24.95
C GLY A 35 6.19 11.66 -24.09
N ASP A 36 6.94 12.51 -24.75
CA ASP A 36 7.61 13.56 -24.07
C ASP A 36 6.68 14.67 -23.74
N ALA A 37 7.36 15.68 -23.20
CA ALA A 37 6.83 16.94 -22.78
C ALA A 37 6.54 17.68 -24.06
N PRO A 38 5.67 18.67 -24.04
CA PRO A 38 4.97 19.09 -22.86
C PRO A 38 3.69 18.30 -22.56
N ASP A 39 3.36 17.29 -23.36
CA ASP A 39 2.16 16.46 -23.37
C ASP A 39 2.21 15.09 -22.69
N TYR A 40 3.36 14.43 -22.64
CA TYR A 40 3.42 13.11 -22.00
C TYR A 40 2.34 12.19 -22.53
N ASP A 41 2.15 12.23 -23.84
CA ASP A 41 1.14 11.38 -24.46
C ASP A 41 1.11 10.01 -23.76
N ARG A 42 -0.08 9.45 -23.41
CA ARG A 42 -0.13 8.14 -22.72
C ARG A 42 -0.86 7.10 -23.47
N SER A 43 -1.08 7.40 -24.73
CA SER A 43 -1.82 6.55 -25.65
C SER A 43 -1.39 5.09 -25.82
N GLN A 44 -0.09 4.76 -25.66
CA GLN A 44 0.32 3.36 -25.81
C GLN A 44 -0.44 2.47 -24.86
N FTR A 45 -0.54 2.97 -23.66
CA FTR A 45 -1.26 2.31 -22.59
CB FTR A 45 -0.86 3.06 -21.29
CG FTR A 45 -1.70 2.77 -20.08
CD2 FTR A 45 -2.19 1.52 -19.63
CE2 FTR A 45 -2.88 1.75 -18.38
CE3 FTR A 45 -2.21 0.24 -20.16
CD1 FTR A 45 -2.04 3.67 -19.11
NE1 FTR A 45 -2.78 3.08 -18.12
CZ2 FTR A 45 -3.49 0.72 -17.67
CZ3 FTR A 45 -2.86 -0.76 -19.47
F FTR A 45 -2.87 -1.98 -19.96
CH2 FTR A 45 -3.47 -0.53 -18.23
C FTR A 45 -2.75 2.53 -22.79
O FTR A 45 -3.56 1.60 -22.78
N LEU A 46 -3.09 3.78 -22.93
CA LEU A 46 -4.47 4.10 -23.08
C LEU A 46 -5.18 3.33 -24.15
N ASN A 47 -4.51 3.08 -25.25
CA ASN A 47 -5.17 2.31 -26.28
C ASN A 47 -5.63 0.98 -25.82
N GLU A 48 -4.90 0.32 -24.91
CA GLU A 48 -5.38 -0.98 -24.40
C GLU A 48 -5.92 -1.05 -22.95
N LYS A 49 -5.92 0.07 -22.23
CA LYS A 49 -6.37 0.19 -20.89
C LYS A 49 -7.57 -0.65 -20.52
N PHE A 50 -8.64 -0.41 -21.27
CA PHE A 50 -9.82 -1.19 -20.96
C PHE A 50 -10.14 -2.44 -21.77
N LYS A 51 -9.16 -3.09 -22.34
CA LYS A 51 -9.47 -4.26 -23.13
C LYS A 51 -8.78 -5.49 -22.59
N LEU A 52 -8.05 -5.31 -21.51
CA LEU A 52 -7.26 -6.47 -21.11
C LEU A 52 -7.91 -7.48 -20.23
N GLY A 53 -9.22 -7.29 -19.95
CA GLY A 53 -9.95 -8.16 -19.02
C GLY A 53 -9.53 -7.79 -17.56
N LEU A 54 -8.91 -6.62 -17.30
CA LEU A 54 -8.47 -6.36 -15.91
C LEU A 54 -9.58 -5.93 -14.98
N ASP A 55 -9.55 -6.42 -13.79
CA ASP A 55 -10.57 -6.05 -12.80
C ASP A 55 -10.60 -4.53 -12.53
N PHE A 56 -9.44 -3.95 -12.22
CA PHE A 56 -9.26 -2.49 -12.00
C PHE A 56 -8.03 -2.10 -12.88
N PRO A 57 -8.26 -1.91 -14.19
CA PRO A 57 -7.17 -1.57 -15.09
C PRO A 57 -6.13 -0.61 -14.49
N ASN A 58 -4.83 -0.95 -14.60
CA ASN A 58 -3.71 -0.15 -14.07
C ASN A 58 -2.39 -0.81 -14.53
N LEU A 59 -1.26 -0.25 -14.12
CA LEU A 59 0.07 -0.79 -14.43
C LEU A 59 0.81 -0.76 -13.11
N PRO A 60 1.53 -1.80 -12.78
CA PRO A 60 1.69 -2.94 -13.63
C PRO A 60 0.52 -3.84 -13.55
N TYR A 61 0.55 -4.69 -14.51
CA TYR A 61 -0.40 -5.76 -14.65
C TYR A 61 0.41 -7.01 -15.03
N LEU A 62 -0.17 -8.15 -14.73
CA LEU A 62 0.33 -9.44 -15.01
C LEU A 62 -0.81 -10.26 -15.52
N ILE A 63 -0.59 -10.84 -16.70
CA ILE A 63 -1.60 -11.72 -17.22
C ILE A 63 -0.97 -13.07 -17.33
N ASP A 64 -1.55 -14.07 -16.70
CA ASP A 64 -1.04 -15.41 -16.72
C ASP A 64 -2.15 -16.27 -17.24
N GLY A 65 -2.23 -16.32 -18.59
CA GLY A 65 -3.31 -17.05 -19.24
C GLY A 65 -4.62 -16.35 -18.86
N SER A 66 -5.55 -17.16 -18.36
CA SER A 66 -6.87 -16.68 -17.87
C SER A 66 -6.80 -15.62 -16.75
N ARG A 67 -5.88 -15.82 -15.78
CA ARG A 67 -5.70 -14.89 -14.64
C ARG A 67 -5.10 -13.57 -15.07
N LYS A 68 -5.77 -12.47 -14.66
CA LYS A 68 -5.41 -11.09 -14.87
C LYS A 68 -5.20 -10.49 -13.48
N ILE A 69 -4.05 -9.91 -13.20
CA ILE A 69 -3.76 -9.30 -11.90
C ILE A 69 -3.27 -7.87 -11.92
N THR A 70 -3.85 -7.01 -11.11
CA THR A 70 -3.34 -5.69 -10.96
C THR A 70 -2.85 -5.52 -9.52
N GLN A 71 -2.21 -4.36 -9.22
CA GLN A 71 -1.61 -3.93 -7.95
C GLN A 71 -0.38 -4.78 -7.73
N SER A 72 0.75 -4.09 -7.77
CA SER A 72 2.02 -4.73 -7.62
C SER A 72 2.13 -5.69 -6.48
N ASN A 73 1.64 -5.32 -5.30
CA ASN A 73 1.91 -6.28 -4.22
C ASN A 73 1.26 -7.55 -4.51
N ALA A 74 0.19 -7.34 -5.24
CA ALA A 74 -0.65 -8.47 -5.58
C ALA A 74 0.06 -9.41 -6.49
N ILE A 75 0.70 -8.69 -7.38
CA ILE A 75 1.46 -9.35 -8.38
C ILE A 75 2.56 -10.12 -7.69
N MET A 76 3.32 -9.42 -6.84
CA MET A 76 4.42 -10.10 -6.09
C MET A 76 3.97 -11.29 -5.24
N ARG A 77 2.78 -11.22 -4.63
CA ARG A 77 2.43 -12.41 -3.80
C ARG A 77 2.02 -13.64 -4.56
N TYR A 78 1.46 -13.36 -5.72
CA TYR A 78 0.92 -14.39 -6.60
C TYR A 78 2.06 -15.27 -7.04
N LEU A 79 3.09 -14.55 -7.41
CA LEU A 79 4.29 -15.20 -7.91
C LEU A 79 5.01 -15.80 -6.71
N ALA A 80 5.11 -15.02 -5.60
CA ALA A 80 5.73 -15.49 -4.32
C ALA A 80 5.11 -16.81 -3.92
N ARG A 81 3.80 -16.86 -4.00
CA ARG A 81 3.06 -18.04 -3.70
C ARG A 81 3.35 -19.23 -4.61
N LYS A 82 3.50 -19.05 -5.93
CA LYS A 82 3.76 -20.26 -6.75
C LYS A 82 5.18 -20.75 -6.51
N HIS A 83 6.03 -20.03 -5.80
CA HIS A 83 7.36 -20.52 -5.63
C HIS A 83 7.80 -20.52 -4.17
N HIS A 84 6.83 -20.70 -3.26
CA HIS A 84 7.11 -20.73 -1.81
C HIS A 84 8.07 -19.64 -1.28
N LEU A 85 7.84 -18.37 -1.66
CA LEU A 85 8.66 -17.25 -1.22
C LEU A 85 7.91 -16.35 -0.23
N CYS A 86 7.08 -16.93 0.57
CA CYS A 86 6.30 -16.15 1.52
C CYS A 86 6.77 -16.50 2.92
N GLY A 87 6.48 -15.68 3.92
CA GLY A 87 6.86 -16.05 5.28
C GLY A 87 6.23 -17.40 5.59
N GLU A 88 6.90 -18.25 6.37
CA GLU A 88 6.41 -19.57 6.69
C GLU A 88 5.80 -19.64 8.09
N THR A 89 6.13 -18.69 8.93
CA THR A 89 5.66 -18.67 10.34
C THR A 89 5.00 -17.35 10.68
N GLU A 90 4.29 -17.30 11.83
CA GLU A 90 3.67 -16.01 12.22
C GLU A 90 4.66 -14.85 12.24
N GLU A 91 5.83 -15.11 12.89
CA GLU A 91 6.89 -14.10 12.93
C GLU A 91 7.23 -13.61 11.52
N GLU A 92 7.46 -14.54 10.64
CA GLU A 92 7.83 -14.20 9.29
C GLU A 92 6.80 -13.34 8.57
N ARG A 93 5.57 -13.83 8.61
CA ARG A 93 4.51 -13.09 7.93
C ARG A 93 4.38 -11.65 8.41
N ILE A 94 4.54 -11.45 9.74
CA ILE A 94 4.46 -10.10 10.34
C ILE A 94 5.57 -9.18 9.80
N ARG A 95 6.78 -9.76 9.75
CA ARG A 95 7.90 -8.94 9.26
C ARG A 95 7.64 -8.57 7.78
N ALA A 96 7.35 -9.62 7.06
CA ALA A 96 7.09 -9.46 5.59
C ALA A 96 5.99 -8.45 5.31
N ASP A 97 4.87 -8.57 6.02
CA ASP A 97 3.76 -7.62 5.83
C ASP A 97 4.19 -6.18 6.14
N ILE A 98 4.93 -6.03 7.25
CA ILE A 98 5.33 -4.67 7.62
C ILE A 98 6.22 -4.03 6.55
N VAL A 99 7.17 -4.86 6.14
CA VAL A 99 8.17 -4.46 5.19
C VAL A 99 7.50 -4.12 3.85
N GLU A 100 6.58 -5.01 3.49
CA GLU A 100 5.78 -4.78 2.26
C GLU A 100 5.18 -3.40 2.22
N ASN A 101 4.49 -2.99 3.31
CA ASN A 101 3.92 -1.63 3.34
C ASN A 101 4.92 -0.52 3.59
N GLN A 102 5.96 -0.85 4.36
CA GLN A 102 6.96 0.17 4.67
C GLN A 102 7.71 0.59 3.40
N VAL A 103 8.08 -0.40 2.59
CA VAL A 103 8.72 -0.03 1.33
C VAL A 103 7.81 0.94 0.52
N MET A 104 6.53 0.61 0.47
CA MET A 104 5.60 1.45 -0.26
C MET A 104 5.51 2.80 0.46
N ASP A 105 5.70 2.83 1.80
CA ASP A 105 5.70 4.19 2.33
C ASP A 105 6.91 5.01 1.87
N ASN A 106 8.12 4.47 2.07
CA ASN A 106 9.32 5.19 1.69
C ASN A 106 9.35 5.53 0.20
N ARG A 107 8.67 4.73 -0.61
CA ARG A 107 8.61 4.82 -2.07
C ARG A 107 7.87 6.04 -2.58
N MET A 108 6.70 6.19 -2.03
CA MET A 108 5.89 7.33 -2.37
C MET A 108 6.51 8.63 -1.85
N GLN A 109 7.31 8.52 -0.80
CA GLN A 109 7.83 9.76 -0.27
C GLN A 109 8.81 10.33 -1.29
N LEU A 110 9.47 9.37 -1.93
CA LEU A 110 10.46 9.70 -2.92
C LEU A 110 9.79 10.36 -4.11
N ILE A 111 8.83 9.66 -4.71
CA ILE A 111 8.12 10.18 -5.86
C ILE A 111 7.58 11.50 -5.56
N MET A 112 6.99 11.60 -4.39
CA MET A 112 6.41 12.86 -3.98
C MET A 112 7.43 14.01 -4.17
N LEU A 113 8.69 13.72 -3.77
CA LEU A 113 9.64 14.77 -3.87
C LEU A 113 10.01 14.98 -5.31
N CYS A 114 10.18 13.85 -5.98
CA CYS A 114 10.58 13.84 -7.35
C CYS A 114 9.53 14.36 -8.32
N TYR A 115 8.33 14.64 -7.90
CA TYR A 115 7.42 15.22 -8.93
C TYR A 115 7.01 16.55 -8.42
N ASN A 116 7.80 17.08 -7.49
CA ASN A 116 7.41 18.34 -6.92
C ASN A 116 8.18 19.40 -7.60
N PRO A 117 7.44 20.28 -8.22
CA PRO A 117 8.04 21.37 -8.93
C PRO A 117 9.16 21.96 -8.11
N ASP A 118 8.89 21.98 -6.82
CA ASP A 118 9.82 22.60 -5.92
C ASP A 118 10.97 21.73 -5.50
N PHE A 119 11.15 20.65 -6.23
CA PHE A 119 12.21 19.68 -6.01
C PHE A 119 13.62 20.14 -5.56
N GLU A 120 14.19 21.22 -6.09
CA GLU A 120 15.54 21.55 -5.67
C GLU A 120 15.49 22.18 -4.32
N LYS A 121 14.37 22.86 -4.08
CA LYS A 121 14.22 23.53 -2.81
C LYS A 121 13.80 22.54 -1.77
N GLN A 122 13.27 21.38 -2.19
CA GLN A 122 12.86 20.40 -1.19
C GLN A 122 13.91 19.37 -0.78
N LYS A 123 14.76 19.03 -1.75
CA LYS A 123 15.83 18.06 -1.55
C LYS A 123 16.55 18.19 -0.19
N PRO A 124 17.12 19.34 0.06
CA PRO A 124 17.85 19.51 1.26
C PRO A 124 17.06 18.93 2.40
N GLU A 125 15.77 19.21 2.42
CA GLU A 125 15.01 18.71 3.53
C GLU A 125 14.90 17.23 3.43
N PHE A 126 14.60 16.74 2.25
CA PHE A 126 14.50 15.29 2.07
C PHE A 126 15.78 14.52 2.43
N LEU A 127 16.88 15.14 2.06
CA LEU A 127 18.14 14.46 2.35
C LEU A 127 18.38 14.22 3.81
N LYS A 128 17.90 15.15 4.63
CA LYS A 128 18.06 15.07 6.05
C LYS A 128 17.46 13.80 6.63
N THR A 129 16.24 13.54 6.21
CA THR A 129 15.46 12.39 6.62
C THR A 129 16.07 11.05 6.21
N ILE A 130 16.83 11.00 5.15
CA ILE A 130 17.34 9.70 4.70
C ILE A 130 18.02 8.75 5.71
N PRO A 131 19.10 9.19 6.37
CA PRO A 131 19.77 8.32 7.33
C PRO A 131 18.81 7.67 8.33
N GLU A 132 17.84 8.48 8.74
CA GLU A 132 16.84 8.05 9.66
C GLU A 132 16.09 6.88 9.03
N LYS A 133 15.98 6.89 7.73
CA LYS A 133 15.25 5.77 7.19
C LYS A 133 16.10 4.52 7.09
N MET A 134 17.36 4.71 6.65
CA MET A 134 18.23 3.57 6.42
C MET A 134 18.41 2.79 7.75
N LYS A 135 18.55 3.60 8.80
CA LYS A 135 18.75 3.18 10.15
C LYS A 135 17.61 2.26 10.55
N LEU A 136 16.36 2.73 10.19
CA LEU A 136 15.20 1.90 10.50
C LEU A 136 15.33 0.56 9.84
N TYR A 137 15.75 0.58 8.56
CA TYR A 137 15.92 -0.72 7.88
C TYR A 137 17.12 -1.44 8.42
N SER A 138 18.23 -0.74 8.65
CA SER A 138 19.39 -1.47 9.15
C SER A 138 19.03 -2.19 10.44
N GLU A 139 18.43 -1.44 11.33
CA GLU A 139 18.06 -2.06 12.62
C GLU A 139 17.03 -3.19 12.51
N PHE A 140 16.07 -3.01 11.62
CA PHE A 140 15.07 -4.08 11.58
C PHE A 140 15.64 -5.39 11.08
N LEU A 141 16.50 -5.27 10.08
CA LEU A 141 17.18 -6.41 9.47
C LEU A 141 18.19 -6.99 10.47
N GLY A 142 18.91 -6.10 11.18
CA GLY A 142 19.91 -6.52 12.16
C GLY A 142 20.85 -7.64 11.70
N LYS A 143 20.83 -8.79 12.33
CA LYS A 143 21.79 -9.78 11.85
C LYS A 143 21.17 -10.89 11.05
N ARG A 144 19.88 -10.78 10.69
CA ARG A 144 19.22 -11.75 9.87
C ARG A 144 19.82 -11.67 8.44
N PRO A 145 19.86 -12.80 7.76
CA PRO A 145 20.36 -12.81 6.40
C PRO A 145 19.37 -12.09 5.47
N FTR A 146 18.09 -12.47 5.65
CA FTR A 146 16.90 -12.00 4.93
CB FTR A 146 16.25 -13.12 4.12
CG FTR A 146 17.30 -13.84 3.37
CD2 FTR A 146 18.01 -13.37 2.22
CE2 FTR A 146 18.87 -14.38 1.83
CE3 FTR A 146 17.98 -12.20 1.46
CD1 FTR A 146 17.76 -15.08 3.64
NE1 FTR A 146 18.72 -15.42 2.72
CZ2 FTR A 146 19.73 -14.25 0.75
CZ3 FTR A 146 18.82 -12.06 0.37
F FTR A 146 18.83 -10.92 -0.37
CH2 FTR A 146 19.68 -13.08 0.04
C FTR A 146 15.92 -11.16 5.76
O FTR A 146 15.91 -11.20 7.01
N PHE A 147 15.16 -10.30 5.09
CA PHE A 147 14.27 -9.41 5.81
C PHE A 147 13.25 -10.06 6.74
N ALA A 148 12.81 -11.23 6.33
CA ALA A 148 11.85 -11.89 7.20
C ALA A 148 12.55 -12.87 8.09
N GLY A 149 13.80 -13.18 7.81
CA GLY A 149 14.49 -14.15 8.70
C GLY A 149 15.67 -14.83 8.00
N ASP A 150 15.64 -16.16 8.02
CA ASP A 150 16.61 -17.08 7.48
C ASP A 150 16.54 -17.32 6.01
N LYS A 151 15.32 -17.22 5.55
CA LYS A 151 15.09 -17.54 4.17
C LYS A 151 14.63 -16.37 3.30
N VAL A 152 15.00 -16.44 2.06
CA VAL A 152 14.68 -15.40 1.16
C VAL A 152 13.18 -15.46 0.94
N THR A 153 12.60 -14.31 0.82
CA THR A 153 11.20 -14.23 0.47
C THR A 153 10.97 -13.03 -0.42
N TYR A 154 9.73 -12.94 -0.97
CA TYR A 154 9.45 -11.87 -1.89
C TYR A 154 9.66 -10.48 -1.37
N VAL A 155 9.76 -10.32 -0.02
CA VAL A 155 9.92 -8.97 0.49
C VAL A 155 11.35 -8.45 0.36
N ASP A 156 12.29 -9.38 0.18
CA ASP A 156 13.66 -8.93 -0.10
C ASP A 156 13.74 -8.15 -1.48
N PHE A 157 12.93 -8.62 -2.43
CA PHE A 157 12.87 -7.92 -3.73
C PHE A 157 12.37 -6.51 -3.53
N LEU A 158 11.32 -6.42 -2.68
CA LEU A 158 10.77 -5.11 -2.39
C LEU A 158 11.87 -4.26 -1.80
N ALA A 159 12.60 -4.85 -0.80
CA ALA A 159 13.67 -4.21 -0.02
C ALA A 159 14.88 -3.79 -0.87
N TYR A 160 15.42 -4.79 -1.53
CA TYR A 160 16.54 -4.40 -2.37
C TYR A 160 16.22 -3.16 -3.22
N ASP A 161 15.08 -3.24 -3.93
CA ASP A 161 14.63 -2.17 -4.78
C ASP A 161 14.71 -0.79 -4.16
N ILE A 162 13.97 -0.58 -3.06
CA ILE A 162 13.90 0.73 -2.38
C ILE A 162 15.20 1.28 -1.82
N LEU A 163 15.90 0.35 -1.25
CA LEU A 163 17.21 0.70 -0.70
C LEU A 163 18.10 1.07 -1.90
N ASP A 164 18.05 0.24 -2.91
CA ASP A 164 18.86 0.60 -4.05
C ASP A 164 18.48 2.01 -4.58
N GLN A 165 17.18 2.26 -4.78
CA GLN A 165 16.80 3.60 -5.22
C GLN A 165 17.27 4.69 -4.30
N TYR A 166 17.27 4.43 -3.02
CA TYR A 166 17.68 5.53 -2.16
C TYR A 166 19.17 5.80 -2.33
N HIS A 167 19.87 4.69 -2.44
CA HIS A 167 21.31 4.73 -2.55
C HIS A 167 21.75 5.53 -3.79
N ILE A 168 20.95 5.28 -4.85
CA ILE A 168 21.10 5.91 -6.13
C ILE A 168 20.89 7.39 -6.00
N PHE A 169 19.95 7.72 -5.09
CA PHE A 169 19.58 9.11 -4.85
C PHE A 169 20.69 9.90 -4.14
N GLU A 170 21.29 9.18 -3.18
CA GLU A 170 22.34 9.65 -2.29
C GLU A 170 23.25 8.49 -2.04
N PRO A 171 24.26 8.53 -2.84
CA PRO A 171 25.29 7.54 -2.93
C PRO A 171 25.93 7.11 -1.60
N LYS A 172 26.14 8.04 -0.69
CA LYS A 172 26.78 7.69 0.59
C LYS A 172 25.89 7.04 1.69
N CYS A 173 24.59 7.11 1.47
CA CYS A 173 23.59 6.68 2.42
C CYS A 173 23.64 5.30 3.05
N LEU A 174 24.51 4.43 2.60
CA LEU A 174 24.57 3.05 3.09
C LEU A 174 25.94 2.84 3.72
N ASP A 175 26.65 3.97 3.74
CA ASP A 175 27.97 3.96 4.33
C ASP A 175 28.00 3.55 5.82
N ALA A 176 27.12 4.05 6.62
CA ALA A 176 27.24 3.70 8.01
C ALA A 176 26.57 2.43 8.22
N PHE A 177 26.09 1.83 7.12
CA PHE A 177 25.29 0.64 7.34
C PHE A 177 25.67 -0.69 6.75
N PRO A 178 26.85 -1.16 7.10
CA PRO A 178 27.36 -2.42 6.64
C PRO A 178 26.28 -3.46 6.44
N ASN A 179 25.36 -3.55 7.42
CA ASN A 179 24.21 -4.46 7.40
C ASN A 179 23.59 -4.37 5.97
N LEU A 180 23.20 -3.15 5.64
CA LEU A 180 22.57 -2.96 4.36
C LEU A 180 23.48 -3.26 3.17
N LYS A 181 24.61 -2.57 3.10
CA LYS A 181 25.51 -2.82 1.97
C LYS A 181 25.63 -4.31 1.80
N ASP A 182 25.79 -5.02 2.91
CA ASP A 182 25.93 -6.41 2.70
C ASP A 182 24.69 -7.15 2.25
N PHE A 183 23.53 -6.62 2.65
CA PHE A 183 22.33 -7.32 2.21
C PHE A 183 22.26 -7.13 0.67
N LEU A 184 22.64 -5.96 0.20
CA LEU A 184 22.55 -5.64 -1.21
C LEU A 184 23.41 -6.58 -2.06
N ALA A 185 24.62 -6.87 -1.63
CA ALA A 185 25.52 -7.71 -2.44
C ALA A 185 25.09 -9.16 -2.53
N ARG A 186 24.56 -9.60 -1.42
CA ARG A 186 24.02 -10.93 -1.29
C ARG A 186 22.84 -11.00 -2.25
N PHE A 187 21.95 -9.97 -2.15
CA PHE A 187 20.79 -10.02 -3.02
C PHE A 187 21.29 -10.12 -4.44
N GLU A 188 22.17 -9.19 -4.77
CA GLU A 188 22.71 -9.12 -6.11
C GLU A 188 23.64 -10.24 -6.44
N GLY A 189 23.94 -11.14 -5.48
CA GLY A 189 24.84 -12.23 -5.81
C GLY A 189 24.08 -13.51 -6.03
N LEU A 190 22.73 -13.44 -5.99
CA LEU A 190 21.88 -14.62 -6.21
C LEU A 190 21.91 -14.96 -7.69
N LYS A 191 22.42 -16.15 -8.05
CA LYS A 191 22.60 -16.52 -9.47
C LYS A 191 21.72 -15.91 -10.64
N LYS A 192 20.38 -16.00 -10.50
CA LYS A 192 19.55 -15.49 -11.54
C LYS A 192 19.48 -14.00 -11.55
N ILE A 193 19.79 -13.37 -10.39
CA ILE A 193 19.78 -11.89 -10.28
C ILE A 193 20.99 -11.37 -10.99
N SER A 194 22.17 -11.91 -10.62
CA SER A 194 23.44 -11.46 -11.23
C SER A 194 23.32 -11.57 -12.74
N ALA A 195 22.74 -12.72 -13.09
CA ALA A 195 22.52 -13.11 -14.45
C ALA A 195 21.59 -12.19 -15.21
N TYR A 196 20.60 -11.71 -14.46
CA TYR A 196 19.61 -10.83 -15.03
C TYR A 196 20.12 -9.42 -15.15
N MET A 197 20.81 -8.91 -14.14
CA MET A 197 21.29 -7.55 -14.27
C MET A 197 22.22 -7.36 -15.41
N LYS A 198 22.77 -8.43 -15.93
CA LYS A 198 23.69 -8.30 -17.04
C LYS A 198 22.94 -8.56 -18.38
N SER A 199 21.64 -8.84 -18.29
CA SER A 199 20.84 -9.17 -19.48
C SER A 199 20.36 -7.96 -20.28
N SER A 200 19.88 -8.24 -21.51
CA SER A 200 19.36 -7.13 -22.34
C SER A 200 18.12 -6.51 -21.68
N ARG A 201 17.35 -7.38 -20.98
CA ARG A 201 16.13 -7.01 -20.28
C ARG A 201 16.33 -6.11 -19.06
N TYR A 202 17.58 -5.83 -18.68
CA TYR A 202 17.74 -5.04 -17.50
C TYR A 202 17.37 -3.62 -17.81
N LEU A 203 16.77 -2.95 -16.81
CA LEU A 203 16.25 -1.60 -16.82
C LEU A 203 16.34 -0.95 -15.43
N SER A 204 17.59 -0.48 -15.15
CA SER A 204 17.88 0.18 -13.91
C SER A 204 17.45 1.63 -13.89
N THR A 205 17.49 2.28 -15.04
CA THR A 205 17.04 3.66 -15.00
C THR A 205 16.54 3.94 -16.38
N PRO A 206 15.65 4.91 -16.60
CA PRO A 206 15.12 5.80 -15.59
C PRO A 206 14.22 5.10 -14.56
N ILE A 207 14.16 5.67 -13.34
CA ILE A 207 13.25 5.18 -12.35
C ILE A 207 11.92 5.92 -12.43
N PHE A 208 11.91 7.23 -12.64
CA PHE A 208 10.58 7.88 -12.74
C PHE A 208 10.18 8.19 -14.16
N SER A 209 9.04 8.85 -14.39
CA SER A 209 8.66 9.07 -15.78
C SER A 209 9.21 10.37 -16.18
N LYS A 210 8.93 10.64 -17.45
CA LYS A 210 9.32 11.86 -18.13
C LYS A 210 9.01 13.18 -17.45
N LEU A 211 7.84 13.26 -16.80
CA LEU A 211 7.44 14.49 -16.08
C LEU A 211 8.05 14.66 -14.69
N ALA A 212 8.94 13.73 -14.28
CA ALA A 212 9.69 13.78 -13.02
C ALA A 212 10.86 14.77 -13.08
N GLN A 213 11.21 15.26 -11.90
CA GLN A 213 12.31 16.22 -11.75
C GLN A 213 13.64 15.53 -11.47
N FTR A 214 13.63 14.20 -11.29
CA FTR A 214 14.86 13.42 -11.05
CB FTR A 214 15.25 13.38 -9.57
CG FTR A 214 16.37 12.44 -9.32
CD2 FTR A 214 16.29 11.08 -8.86
CE2 FTR A 214 17.61 10.63 -8.72
CE3 FTR A 214 15.26 10.24 -8.47
CD1 FTR A 214 17.66 12.72 -9.48
NE1 FTR A 214 18.41 11.63 -9.13
CZ2 FTR A 214 17.92 9.37 -8.26
CZ3 FTR A 214 15.56 8.97 -8.02
F FTR A 214 14.56 8.12 -7.71
CH2 FTR A 214 16.88 8.54 -7.96
C FTR A 214 14.73 12.02 -11.66
O FTR A 214 13.66 11.43 -11.68
N SER A 215 15.80 11.46 -12.22
CA SER A 215 15.67 10.13 -12.85
C SER A 215 14.45 10.03 -13.76
N ASN A 216 14.22 11.10 -14.57
CA ASN A 216 13.12 11.23 -15.53
C ASN A 216 13.49 10.66 -16.90
N LYS A 217 14.83 10.67 -17.13
CA LYS A 217 15.44 10.21 -18.38
C LYS A 217 16.42 9.08 -18.16
N PRO B 1 -5.42 -5.75 27.80
CA PRO B 1 -5.68 -6.10 26.41
C PRO B 1 -4.58 -5.48 25.47
N MET B 2 -4.88 -5.57 24.14
CA MET B 2 -4.15 -5.01 23.00
C MET B 2 -4.39 -3.52 23.01
N ILE B 3 -3.46 -2.83 22.46
CA ILE B 3 -3.54 -1.41 22.43
C ILE B 3 -3.46 -0.89 20.99
N LEU B 4 -4.47 -0.15 20.61
CA LEU B 4 -4.50 0.46 19.28
C LEU B 4 -4.20 1.91 19.37
N GLY B 5 -3.12 2.29 18.76
CA GLY B 5 -2.81 3.68 18.80
C GLY B 5 -2.98 4.29 17.38
N TYR B 6 -3.54 5.50 17.40
CA TYR B 6 -3.79 6.27 16.23
C TYR B 6 -4.30 7.58 16.71
N FTR B 7 -4.48 8.43 15.71
CA FTR B 7 -4.95 9.75 15.92
CB FTR B 7 -4.80 10.67 14.67
CG FTR B 7 -3.38 11.01 14.31
CD2 FTR B 7 -2.43 11.84 15.04
CE2 FTR B 7 -1.25 11.86 14.28
CE3 FTR B 7 -2.42 12.50 16.28
CD1 FTR B 7 -2.76 10.63 13.16
NE1 FTR B 7 -1.48 11.10 13.15
CZ2 FTR B 7 -0.10 12.55 14.70
CZ3 FTR B 7 -1.28 13.14 16.71
F FTR B 7 -1.31 13.84 17.86
CH2 FTR B 7 -0.13 13.22 15.90
C FTR B 7 -6.42 9.74 16.31
O FTR B 7 -7.10 8.77 16.18
N ASN B 8 -6.83 10.90 16.81
CA ASN B 8 -8.13 11.40 17.30
C ASN B 8 -9.24 11.48 16.22
N VAL B 9 -9.11 10.68 15.16
CA VAL B 9 -10.01 10.83 14.05
C VAL B 9 -10.20 9.51 13.38
N ARG B 10 -11.06 9.42 12.34
CA ARG B 10 -11.25 8.18 11.56
C ARG B 10 -10.04 7.80 10.70
N GLY B 11 -9.53 8.78 9.96
CA GLY B 11 -8.40 8.60 9.03
C GLY B 11 -8.38 7.25 8.32
N LEU B 12 -7.21 6.53 8.45
CA LEU B 12 -7.15 5.24 7.81
C LEU B 12 -7.32 4.03 8.71
N THR B 13 -7.75 4.32 9.94
CA THR B 13 -7.86 3.21 10.87
C THR B 13 -9.19 2.65 11.03
N HIS B 14 -10.22 3.23 10.39
CA HIS B 14 -11.54 2.60 10.64
C HIS B 14 -11.59 1.07 10.48
N PRO B 15 -10.86 0.58 9.42
CA PRO B 15 -10.98 -0.86 9.20
C PRO B 15 -10.47 -1.68 10.37
N ILE B 16 -9.54 -1.08 11.10
CA ILE B 16 -8.97 -1.81 12.23
C ILE B 16 -9.95 -1.88 13.42
N ARG B 17 -10.47 -0.72 13.70
CA ARG B 17 -11.46 -0.61 14.72
C ARG B 17 -12.57 -1.61 14.49
N LEU B 18 -13.18 -1.44 13.28
CA LEU B 18 -14.31 -2.31 12.97
C LEU B 18 -13.92 -3.75 13.22
N LEU B 19 -12.75 -4.11 12.69
CA LEU B 19 -12.39 -5.50 12.79
C LEU B 19 -12.12 -5.97 14.21
N LEU B 20 -11.57 -5.06 15.00
CA LEU B 20 -11.36 -5.52 16.40
C LEU B 20 -12.75 -5.80 16.98
N GLU B 21 -13.69 -4.92 16.65
CA GLU B 21 -15.04 -5.18 17.20
C GLU B 21 -15.67 -6.47 16.68
N TYR B 22 -15.55 -6.67 15.38
CA TYR B 22 -16.17 -7.81 14.74
C TYR B 22 -15.63 -9.09 15.35
N THR B 23 -14.34 -9.05 15.68
CA THR B 23 -13.65 -10.28 16.20
C THR B 23 -13.82 -10.46 17.72
N ASP B 24 -14.63 -9.63 18.35
CA ASP B 24 -14.70 -9.80 19.77
C ASP B 24 -13.31 -9.63 20.42
N SER B 25 -12.39 -8.86 19.81
CA SER B 25 -11.08 -8.65 20.39
C SER B 25 -11.21 -7.82 21.66
N SER B 26 -10.19 -7.96 22.51
CA SER B 26 -10.11 -7.20 23.72
C SER B 26 -9.00 -6.21 23.52
N TYR B 27 -9.38 -5.00 23.57
CA TYR B 27 -8.45 -3.98 23.30
C TYR B 27 -8.95 -2.66 23.82
N GLU B 28 -8.02 -1.74 23.91
CA GLU B 28 -8.30 -0.40 24.34
C GLU B 28 -7.48 0.44 23.45
N GLU B 29 -7.72 1.74 23.46
CA GLU B 29 -7.03 2.60 22.56
C GLU B 29 -6.26 3.71 23.16
N LYS B 30 -5.45 4.30 22.35
CA LYS B 30 -4.83 5.51 22.77
C LYS B 30 -5.07 6.38 21.58
N ARG B 31 -5.91 7.44 21.76
CA ARG B 31 -6.20 8.38 20.69
C ARG B 31 -5.38 9.64 20.81
N TYR B 32 -4.14 9.73 20.26
CA TYR B 32 -3.46 11.01 20.48
C TYR B 32 -4.17 12.20 19.86
N ALA B 33 -4.01 13.39 20.41
CA ALA B 33 -4.71 14.46 19.72
C ALA B 33 -3.77 15.60 19.49
N MET B 34 -3.86 16.20 18.31
CA MET B 34 -2.99 17.31 18.02
C MET B 34 -3.66 18.52 18.63
N GLY B 35 -2.88 19.56 18.92
CA GLY B 35 -3.45 20.81 19.39
C GLY B 35 -3.99 21.60 18.18
N ASP B 36 -4.66 22.73 18.46
CA ASP B 36 -5.24 23.53 17.38
C ASP B 36 -4.28 24.43 16.61
N ALA B 37 -4.86 25.56 16.21
CA ALA B 37 -4.24 26.65 15.48
C ALA B 37 -3.22 27.34 16.34
N PRO B 38 -2.03 27.65 15.76
CA PRO B 38 -1.77 27.31 14.38
C PRO B 38 -0.69 26.24 14.18
N ASP B 39 -0.19 25.73 15.27
CA ASP B 39 0.84 24.71 15.15
C ASP B 39 0.32 23.34 14.84
N TYR B 40 -0.69 22.95 15.60
CA TYR B 40 -1.30 21.62 15.54
C TYR B 40 -0.35 20.59 16.17
N ASP B 41 -0.05 20.89 17.42
CA ASP B 41 0.78 20.09 18.26
C ASP B 41 0.68 18.62 17.92
N ARG B 42 1.80 17.92 18.06
CA ARG B 42 1.82 16.51 17.81
C ARG B 42 2.50 15.83 19.00
N SER B 43 3.00 16.71 19.87
CA SER B 43 3.72 16.42 21.10
C SER B 43 3.29 15.13 21.82
N GLN B 44 1.97 14.87 21.91
CA GLN B 44 1.43 13.67 22.58
C GLN B 44 1.90 12.37 21.92
N FTR B 45 2.07 12.44 20.58
CA FTR B 45 2.51 11.24 19.89
CB FTR B 45 2.01 11.32 18.45
CG FTR B 45 2.73 10.43 17.49
CD2 FTR B 45 3.07 9.02 17.59
CE2 FTR B 45 3.71 8.67 16.40
CE3 FTR B 45 2.93 8.02 18.55
CD1 FTR B 45 3.18 10.85 16.32
NE1 FTR B 45 3.71 9.80 15.64
CZ2 FTR B 45 4.22 7.38 16.18
CZ3 FTR B 45 3.40 6.76 18.32
F FTR B 45 3.34 5.88 19.30
CH2 FTR B 45 4.07 6.41 17.17
C FTR B 45 4.04 11.28 19.93
O FTR B 45 4.74 10.30 20.25
N LEU B 46 4.56 12.46 19.58
CA LEU B 46 5.99 12.61 19.46
C LEU B 46 6.82 12.16 20.63
N ASN B 47 6.30 12.39 21.81
CA ASN B 47 7.08 12.14 23.01
C ASN B 47 7.28 10.70 23.25
N GLU B 48 6.53 9.89 22.56
CA GLU B 48 6.75 8.48 22.80
C GLU B 48 6.88 7.71 21.47
N LYS B 49 6.88 8.45 20.38
CA LYS B 49 7.08 7.81 19.10
C LYS B 49 8.18 6.76 19.13
N PHE B 50 9.34 7.20 19.60
CA PHE B 50 10.50 6.29 19.64
C PHE B 50 10.78 5.58 20.97
N LYS B 51 9.72 5.51 21.76
CA LYS B 51 9.67 4.95 23.08
C LYS B 51 8.88 3.68 23.25
N LEU B 52 8.17 3.23 22.18
CA LEU B 52 7.32 2.06 22.19
C LEU B 52 7.80 0.73 21.68
N GLY B 53 9.06 0.64 21.28
CA GLY B 53 9.58 -0.60 20.76
C GLY B 53 9.02 -0.94 19.38
N LEU B 54 8.46 0.02 18.62
CA LEU B 54 7.92 -0.24 17.25
C LEU B 54 9.07 -0.35 16.18
N ASP B 55 9.12 -1.32 15.32
CA ASP B 55 10.23 -1.32 14.39
C ASP B 55 10.24 -0.10 13.50
N PHE B 56 9.13 0.15 12.86
CA PHE B 56 9.10 1.38 12.07
C PHE B 56 7.91 2.20 12.67
N PRO B 57 8.20 3.01 13.61
CA PRO B 57 7.27 3.79 14.29
C PRO B 57 6.36 4.59 13.43
N ASN B 58 5.09 4.38 13.69
CA ASN B 58 4.12 5.13 12.96
C ASN B 58 2.73 4.98 13.63
N LEU B 59 1.73 5.66 13.04
CA LEU B 59 0.30 5.61 13.40
C LEU B 59 -0.50 5.17 12.20
N PRO B 60 -1.21 4.09 12.30
CA PRO B 60 -1.44 3.39 13.57
C PRO B 60 -0.53 2.28 13.98
N TYR B 61 -0.58 2.02 15.28
CA TYR B 61 0.19 0.85 15.82
C TYR B 61 -0.71 -0.06 16.59
N LEU B 62 -0.34 -1.29 16.68
CA LEU B 62 -1.11 -2.24 17.47
C LEU B 62 -0.14 -2.93 18.44
N ILE B 63 -0.43 -2.96 19.73
CA ILE B 63 0.43 -3.64 20.67
C ILE B 63 -0.45 -4.75 21.16
N ASP B 64 -0.08 -5.99 20.89
CA ASP B 64 -0.79 -7.21 21.25
C ASP B 64 0.12 -8.13 22.10
N GLY B 65 0.20 -7.90 23.41
CA GLY B 65 1.06 -8.80 24.14
C GLY B 65 2.42 -8.29 23.85
N SER B 66 3.26 -9.24 23.44
CA SER B 66 4.66 -8.88 23.11
C SER B 66 4.92 -8.47 21.66
N ARG B 67 3.90 -8.64 20.82
CA ARG B 67 3.90 -8.29 19.40
C ARG B 67 3.62 -6.79 19.26
N LYS B 68 4.47 -6.11 18.47
CA LYS B 68 4.35 -4.69 18.21
C LYS B 68 4.23 -4.53 16.70
N ILE B 69 3.13 -3.92 16.19
CA ILE B 69 2.94 -3.88 14.73
C ILE B 69 2.64 -2.51 14.28
N THR B 70 3.14 -2.18 13.09
CA THR B 70 2.84 -0.92 12.44
C THR B 70 2.44 -1.20 11.00
N GLN B 71 1.87 -0.18 10.36
CA GLN B 71 1.36 -0.33 8.96
C GLN B 71 -0.07 -0.94 9.03
N SER B 72 -1.03 -0.06 8.73
CA SER B 72 -2.44 -0.38 8.75
C SER B 72 -2.77 -1.74 8.19
N ASN B 73 -2.26 -1.99 7.02
CA ASN B 73 -2.52 -3.24 6.37
C ASN B 73 -1.90 -4.43 7.12
N ALA B 74 -0.70 -4.24 7.68
CA ALA B 74 -0.09 -5.36 8.36
C ALA B 74 -0.90 -5.64 9.60
N ILE B 75 -1.31 -4.55 10.25
CA ILE B 75 -2.16 -4.76 11.37
C ILE B 75 -3.37 -5.56 10.94
N MET B 76 -4.03 -5.10 9.89
CA MET B 76 -5.22 -5.82 9.44
C MET B 76 -4.96 -7.28 9.13
N ARG B 77 -3.82 -7.55 8.51
CA ARG B 77 -3.55 -8.96 8.18
C ARG B 77 -3.21 -9.83 9.40
N TYR B 78 -2.58 -9.21 10.36
CA TYR B 78 -2.20 -9.91 11.60
C TYR B 78 -3.45 -10.38 12.29
N LEU B 79 -4.35 -9.42 12.49
CA LEU B 79 -5.65 -9.68 13.18
C LEU B 79 -6.44 -10.64 12.35
N ALA B 80 -6.33 -10.48 10.97
CA ALA B 80 -6.98 -11.38 9.99
C ALA B 80 -6.45 -12.80 10.25
N ARG B 81 -5.13 -12.93 10.32
CA ARG B 81 -4.66 -14.27 10.56
C ARG B 81 -5.09 -14.77 11.90
N LYS B 82 -4.94 -13.95 12.95
CA LYS B 82 -5.38 -14.35 14.32
C LYS B 82 -6.82 -14.92 14.37
N HIS B 83 -7.73 -14.38 13.52
CA HIS B 83 -9.10 -14.85 13.53
C HIS B 83 -9.59 -15.59 12.33
N HIS B 84 -8.69 -16.07 11.47
CA HIS B 84 -9.15 -16.85 10.29
C HIS B 84 -10.12 -16.11 9.36
N LEU B 85 -9.75 -14.85 9.04
CA LEU B 85 -10.45 -13.94 8.16
C LEU B 85 -9.67 -13.64 6.95
N CYS B 86 -8.89 -14.58 6.50
CA CYS B 86 -8.13 -14.33 5.28
C CYS B 86 -8.82 -15.11 4.15
N GLY B 87 -8.44 -14.91 2.89
CA GLY B 87 -9.05 -15.73 1.86
C GLY B 87 -8.50 -17.14 1.99
N GLU B 88 -9.30 -18.15 1.76
CA GLU B 88 -8.74 -19.50 1.88
C GLU B 88 -8.44 -20.21 0.58
N THR B 89 -8.77 -19.58 -0.57
CA THR B 89 -8.44 -20.21 -1.86
C THR B 89 -7.51 -19.29 -2.59
N GLU B 90 -6.84 -19.81 -3.60
CA GLU B 90 -5.99 -18.87 -4.27
C GLU B 90 -6.77 -17.78 -4.92
N GLU B 91 -7.92 -18.13 -5.48
CA GLU B 91 -8.81 -17.10 -6.07
C GLU B 91 -9.20 -16.05 -4.97
N GLU B 92 -9.67 -16.58 -3.76
CA GLU B 92 -10.05 -15.70 -2.59
C GLU B 92 -8.85 -14.84 -2.19
N ARG B 93 -7.68 -15.51 -2.14
CA ARG B 93 -6.42 -14.87 -1.88
C ARG B 93 -6.07 -13.78 -2.94
N ILE B 94 -6.14 -14.12 -4.21
CA ILE B 94 -5.82 -13.15 -5.26
C ILE B 94 -6.81 -12.01 -5.16
N ARG B 95 -8.09 -12.35 -5.04
CA ARG B 95 -9.06 -11.23 -4.93
C ARG B 95 -8.73 -10.31 -3.74
N ALA B 96 -8.48 -10.96 -2.63
CA ALA B 96 -8.17 -10.12 -1.46
C ALA B 96 -6.94 -9.23 -1.67
N ASP B 97 -5.86 -9.77 -2.23
CA ASP B 97 -4.64 -8.96 -2.44
C ASP B 97 -4.86 -7.71 -3.22
N ILE B 98 -5.67 -7.93 -4.25
CA ILE B 98 -6.10 -6.88 -5.15
C ILE B 98 -6.94 -5.84 -4.37
N VAL B 99 -8.05 -6.30 -3.76
CA VAL B 99 -8.90 -5.32 -3.07
C VAL B 99 -8.06 -4.50 -2.11
N GLU B 100 -7.34 -5.22 -1.29
CA GLU B 100 -6.51 -4.58 -0.29
C GLU B 100 -5.81 -3.38 -0.88
N ASN B 101 -5.01 -3.69 -1.92
CA ASN B 101 -4.27 -2.63 -2.62
C ASN B 101 -5.11 -1.57 -3.39
N GLN B 102 -6.24 -1.93 -4.03
CA GLN B 102 -6.99 -0.88 -4.77
C GLN B 102 -7.53 0.17 -3.83
N VAL B 103 -7.95 -0.35 -2.66
CA VAL B 103 -8.49 0.43 -1.55
C VAL B 103 -7.58 1.56 -1.13
N MET B 104 -6.33 1.18 -0.84
CA MET B 104 -5.42 2.22 -0.41
C MET B 104 -5.32 3.30 -1.51
N ASP B 105 -5.20 2.91 -2.81
CA ASP B 105 -5.07 3.82 -4.02
C ASP B 105 -6.24 4.76 -4.01
N ASN B 106 -7.43 4.16 -4.00
CA ASN B 106 -8.58 5.07 -3.95
C ASN B 106 -8.50 5.98 -2.71
N ARG B 107 -7.98 5.45 -1.61
CA ARG B 107 -7.87 6.25 -0.35
C ARG B 107 -6.96 7.39 -0.51
N MET B 108 -5.79 7.09 -1.11
CA MET B 108 -4.77 8.12 -1.36
C MET B 108 -5.37 9.16 -2.29
N GLN B 109 -6.20 8.71 -3.22
CA GLN B 109 -6.75 9.79 -4.04
C GLN B 109 -7.68 10.76 -3.33
N LEU B 110 -8.48 10.26 -2.37
CA LEU B 110 -9.44 11.10 -1.66
C LEU B 110 -8.67 12.06 -0.75
N ILE B 111 -7.66 11.47 -0.16
CA ILE B 111 -6.83 12.24 0.73
C ILE B 111 -6.11 13.36 0.00
N MET B 112 -5.66 13.09 -1.20
CA MET B 112 -4.91 14.13 -1.89
C MET B 112 -5.73 15.37 -2.13
N LEU B 113 -7.01 15.15 -2.53
CA LEU B 113 -8.01 16.17 -2.82
C LEU B 113 -8.47 16.85 -1.52
N CYS B 114 -8.52 16.09 -0.42
CA CYS B 114 -8.89 16.78 0.80
C CYS B 114 -7.83 17.64 1.42
N TYR B 115 -6.61 17.55 0.93
CA TYR B 115 -5.58 18.38 1.49
C TYR B 115 -5.15 19.39 0.48
N ASN B 116 -5.80 19.30 -0.65
CA ASN B 116 -5.40 20.21 -1.71
C ASN B 116 -5.89 21.61 -1.46
N PRO B 117 -4.88 22.47 -1.42
CA PRO B 117 -5.01 23.90 -1.26
C PRO B 117 -6.11 24.53 -2.15
N ASP B 118 -6.38 23.95 -3.32
CA ASP B 118 -7.39 24.43 -4.23
C ASP B 118 -8.54 23.39 -4.38
N PHE B 119 -8.94 22.91 -3.22
CA PHE B 119 -9.99 21.92 -3.05
C PHE B 119 -11.24 22.18 -3.88
N GLU B 120 -11.78 23.40 -3.67
CA GLU B 120 -12.96 23.96 -4.32
C GLU B 120 -12.99 23.70 -5.83
N LYS B 121 -11.98 24.20 -6.58
CA LYS B 121 -11.87 24.06 -8.04
C LYS B 121 -11.64 22.64 -8.57
N GLN B 122 -10.61 21.94 -8.07
CA GLN B 122 -10.37 20.57 -8.52
C GLN B 122 -11.18 19.77 -7.56
N LYS B 123 -12.21 19.08 -8.03
CA LYS B 123 -13.14 18.45 -7.09
C LYS B 123 -14.36 17.99 -7.84
N PRO B 124 -15.01 18.97 -8.49
CA PRO B 124 -16.16 18.62 -9.31
C PRO B 124 -15.58 17.70 -10.40
N GLU B 125 -14.29 17.88 -10.61
CA GLU B 125 -13.58 17.03 -11.51
C GLU B 125 -13.45 15.67 -10.81
N PHE B 126 -13.06 15.71 -9.54
CA PHE B 126 -12.96 14.50 -8.72
C PHE B 126 -14.31 13.75 -8.69
N LEU B 127 -15.40 14.53 -8.47
CA LEU B 127 -16.76 13.97 -8.41
C LEU B 127 -17.14 13.21 -9.64
N LYS B 128 -16.74 13.73 -10.80
CA LYS B 128 -17.03 13.07 -12.06
C LYS B 128 -16.13 11.89 -12.23
N THR B 129 -15.08 11.77 -11.36
CA THR B 129 -14.16 10.65 -11.43
C THR B 129 -14.76 9.55 -10.64
N ILE B 130 -15.63 9.88 -9.73
CA ILE B 130 -16.26 8.83 -8.88
C ILE B 130 -16.94 7.58 -9.46
N PRO B 131 -18.00 7.88 -10.20
CA PRO B 131 -18.82 6.88 -10.84
C PRO B 131 -17.96 5.75 -11.40
N GLU B 132 -16.91 6.15 -12.07
CA GLU B 132 -16.10 5.10 -12.59
C GLU B 132 -15.37 4.21 -11.57
N LYS B 133 -14.99 4.82 -10.45
CA LYS B 133 -14.34 4.01 -9.42
C LYS B 133 -15.34 3.00 -8.86
N MET B 134 -16.55 3.56 -8.55
CA MET B 134 -17.63 2.74 -8.01
C MET B 134 -17.89 1.57 -8.93
N LYS B 135 -17.87 1.93 -10.27
CA LYS B 135 -18.13 1.01 -11.37
C LYS B 135 -17.23 -0.19 -11.27
N LEU B 136 -15.95 0.12 -11.08
CA LEU B 136 -14.99 -0.98 -10.84
C LEU B 136 -15.38 -1.86 -9.64
N TYR B 137 -15.73 -1.18 -8.55
CA TYR B 137 -16.10 -1.96 -7.36
C TYR B 137 -17.33 -2.86 -7.64
N SER B 138 -18.43 -2.29 -8.14
CA SER B 138 -19.64 -3.08 -8.50
C SER B 138 -19.36 -4.26 -9.35
N GLU B 139 -18.61 -4.01 -10.43
CA GLU B 139 -18.39 -5.17 -11.25
C GLU B 139 -17.47 -6.13 -10.60
N PHE B 140 -16.54 -5.65 -9.79
CA PHE B 140 -15.64 -6.67 -9.19
C PHE B 140 -16.45 -7.58 -8.27
N LEU B 141 -17.17 -6.92 -7.37
CA LEU B 141 -18.00 -7.64 -6.43
C LEU B 141 -18.99 -8.60 -7.11
N GLY B 142 -19.72 -8.06 -8.11
CA GLY B 142 -20.66 -8.92 -8.73
C GLY B 142 -21.84 -9.38 -7.88
N LYS B 143 -22.16 -10.68 -8.04
CA LYS B 143 -23.25 -11.41 -7.40
C LYS B 143 -22.83 -11.86 -5.97
N ARG B 144 -21.55 -11.67 -5.69
CA ARG B 144 -20.93 -12.10 -4.44
C ARG B 144 -21.34 -11.45 -3.15
N PRO B 145 -21.49 -12.30 -2.13
CA PRO B 145 -21.80 -11.81 -0.77
C PRO B 145 -20.75 -10.86 -0.20
N FTR B 146 -19.50 -11.26 -0.35
CA FTR B 146 -18.35 -10.56 0.14
CB FTR B 146 -17.85 -11.42 1.32
CG FTR B 146 -18.95 -11.57 2.38
CD2 FTR B 146 -19.51 -10.50 3.18
CE2 FTR B 146 -20.51 -11.05 4.01
CE3 FTR B 146 -19.19 -9.17 3.36
CD1 FTR B 146 -19.70 -12.67 2.66
NE1 FTR B 146 -20.63 -12.39 3.67
CZ2 FTR B 146 -21.17 -10.26 4.96
CZ3 FTR B 146 -19.89 -8.38 4.25
F FTR B 146 -19.53 -7.10 4.35
CH2 FTR B 146 -20.89 -8.93 5.05
C FTR B 146 -17.30 -10.39 -0.99
O FTR B 146 -17.26 -11.12 -1.99
N PHE B 147 -16.42 -9.40 -0.83
CA PHE B 147 -15.42 -9.15 -1.85
C PHE B 147 -14.50 -10.30 -2.28
N ALA B 148 -14.22 -11.28 -1.41
CA ALA B 148 -13.36 -12.37 -1.85
C ALA B 148 -14.16 -13.51 -2.45
N GLY B 149 -15.46 -13.46 -2.18
CA GLY B 149 -16.34 -14.52 -2.59
C GLY B 149 -17.31 -14.83 -1.47
N ASP B 150 -17.45 -16.10 -1.14
CA ASP B 150 -18.42 -16.53 -0.12
C ASP B 150 -18.08 -16.35 1.36
N LYS B 151 -16.92 -15.79 1.65
CA LYS B 151 -16.50 -15.66 3.03
C LYS B 151 -16.12 -14.27 3.45
N VAL B 152 -16.61 -13.85 4.61
CA VAL B 152 -16.23 -12.57 5.11
C VAL B 152 -14.71 -12.68 5.34
N THR B 153 -14.02 -11.64 4.93
CA THR B 153 -12.59 -11.57 5.15
C THR B 153 -12.24 -10.15 5.46
N TYR B 154 -11.01 -9.97 5.92
CA TYR B 154 -10.65 -8.65 6.25
C TYR B 154 -10.74 -7.57 5.22
N VAL B 155 -10.82 -7.91 3.94
CA VAL B 155 -10.87 -6.85 2.96
C VAL B 155 -12.19 -6.26 2.93
N ASP B 156 -13.13 -7.07 3.41
CA ASP B 156 -14.51 -6.53 3.47
C ASP B 156 -14.56 -5.26 4.37
N PHE B 157 -13.64 -5.24 5.37
CA PHE B 157 -13.51 -4.07 6.26
C PHE B 157 -12.90 -2.90 5.56
N LEU B 158 -11.89 -3.19 4.79
CA LEU B 158 -11.22 -2.12 4.05
C LEU B 158 -12.21 -1.52 3.08
N ALA B 159 -12.85 -2.42 2.33
CA ALA B 159 -13.85 -2.04 1.32
C ALA B 159 -14.99 -1.16 1.85
N TYR B 160 -15.68 -1.71 2.87
CA TYR B 160 -16.80 -1.02 3.54
C TYR B 160 -16.48 0.43 3.84
N ASP B 161 -15.34 0.66 4.54
CA ASP B 161 -14.88 2.03 4.91
C ASP B 161 -14.63 3.04 3.72
N ILE B 162 -14.00 2.57 2.63
CA ILE B 162 -13.71 3.55 1.57
C ILE B 162 -14.98 3.90 0.74
N LEU B 163 -15.80 2.86 0.60
CA LEU B 163 -17.13 2.96 -0.06
C LEU B 163 -17.98 3.94 0.78
N ASP B 164 -17.85 3.82 2.12
CA ASP B 164 -18.51 4.73 3.04
C ASP B 164 -18.00 6.18 2.92
N GLN B 165 -16.69 6.38 3.00
CA GLN B 165 -16.21 7.76 2.90
C GLN B 165 -16.52 8.28 1.51
N TYR B 166 -16.32 7.47 0.40
CA TYR B 166 -16.70 7.96 -0.93
C TYR B 166 -18.19 8.41 -0.98
N HIS B 167 -19.07 7.61 -0.33
CA HIS B 167 -20.53 7.83 -0.21
C HIS B 167 -20.83 9.05 0.63
N ILE B 168 -19.96 9.32 1.65
CA ILE B 168 -20.05 10.45 2.54
C ILE B 168 -19.76 11.75 1.80
N PHE B 169 -18.82 11.58 0.95
CA PHE B 169 -18.38 12.67 0.12
C PHE B 169 -19.35 13.02 -1.05
N GLU B 170 -19.95 12.02 -1.65
CA GLU B 170 -20.83 12.17 -2.80
C GLU B 170 -21.99 11.28 -2.56
N PRO B 171 -23.09 11.76 -1.92
CA PRO B 171 -24.23 10.95 -1.51
C PRO B 171 -24.94 10.14 -2.51
N LYS B 172 -24.94 10.61 -3.76
CA LYS B 172 -25.62 9.83 -4.78
C LYS B 172 -24.72 8.79 -5.35
N CYS B 173 -23.42 8.99 -5.09
CA CYS B 173 -22.36 8.16 -5.60
C CYS B 173 -22.73 6.68 -5.77
N LEU B 174 -23.56 6.13 -4.89
CA LEU B 174 -23.95 4.72 -4.99
C LEU B 174 -25.29 4.52 -5.72
N ASP B 175 -26.02 5.58 -5.90
CA ASP B 175 -27.26 5.28 -6.53
C ASP B 175 -27.16 4.38 -7.73
N ALA B 176 -26.16 4.56 -8.60
CA ALA B 176 -26.07 3.70 -9.80
C ALA B 176 -25.71 2.25 -9.50
N PHE B 177 -25.29 1.97 -8.27
CA PHE B 177 -24.87 0.57 -8.01
C PHE B 177 -25.40 -0.18 -6.81
N PRO B 178 -26.62 -0.69 -7.00
CA PRO B 178 -27.40 -1.44 -6.03
C PRO B 178 -26.64 -2.45 -5.15
N ASN B 179 -26.06 -3.40 -5.82
CA ASN B 179 -25.28 -4.44 -5.19
C ASN B 179 -24.27 -3.81 -4.21
N LEU B 180 -23.82 -2.61 -4.54
CA LEU B 180 -22.85 -1.90 -3.71
C LEU B 180 -23.55 -1.53 -2.42
N LYS B 181 -24.72 -0.97 -2.75
CA LYS B 181 -25.62 -0.54 -1.75
C LYS B 181 -25.88 -1.71 -0.84
N ASP B 182 -26.14 -2.84 -1.47
CA ASP B 182 -26.43 -3.98 -0.64
C ASP B 182 -25.31 -4.47 0.28
N PHE B 183 -24.11 -4.26 -0.21
CA PHE B 183 -23.00 -4.71 0.54
C PHE B 183 -22.86 -3.88 1.81
N LEU B 184 -22.94 -2.55 1.70
CA LEU B 184 -22.72 -1.85 2.94
C LEU B 184 -23.74 -2.48 3.91
N ALA B 185 -25.02 -2.39 3.51
CA ALA B 185 -26.12 -2.94 4.29
C ALA B 185 -25.80 -4.29 4.92
N ARG B 186 -25.38 -5.20 4.09
CA ARG B 186 -25.00 -6.49 4.60
C ARG B 186 -23.82 -6.34 5.57
N PHE B 187 -22.89 -5.40 5.31
CA PHE B 187 -21.74 -5.30 6.18
C PHE B 187 -22.18 -4.85 7.56
N GLU B 188 -22.93 -3.73 7.57
CA GLU B 188 -23.52 -3.09 8.71
C GLU B 188 -24.33 -4.12 9.52
N GLY B 189 -24.64 -5.25 8.91
CA GLY B 189 -25.42 -6.24 9.57
C GLY B 189 -24.62 -7.33 10.20
N LEU B 190 -23.32 -7.20 10.11
CA LEU B 190 -22.44 -8.19 10.73
C LEU B 190 -22.65 -8.14 12.25
N LYS B 191 -22.43 -9.32 12.89
CA LYS B 191 -22.57 -9.59 14.34
C LYS B 191 -22.66 -8.42 15.31
N LYS B 192 -21.47 -7.91 15.60
CA LYS B 192 -21.23 -6.83 16.53
C LYS B 192 -21.09 -5.47 15.89
N ILE B 193 -21.13 -5.47 14.55
CA ILE B 193 -20.98 -4.16 13.95
C ILE B 193 -22.10 -3.18 14.32
N SER B 194 -23.30 -3.67 14.29
CA SER B 194 -24.39 -2.74 14.51
C SER B 194 -24.32 -2.13 15.90
N ALA B 195 -23.94 -2.98 16.86
CA ALA B 195 -23.83 -2.51 18.23
C ALA B 195 -22.73 -1.49 18.21
N TYR B 196 -21.63 -1.97 17.62
CA TYR B 196 -20.57 -1.04 17.61
C TYR B 196 -20.96 0.27 16.99
N MET B 197 -21.63 0.26 15.86
CA MET B 197 -21.89 1.61 15.35
C MET B 197 -22.63 2.52 16.30
N LYS B 198 -23.43 1.96 17.17
CA LYS B 198 -24.27 2.78 18.05
C LYS B 198 -23.62 3.15 19.40
N SER B 199 -22.46 2.55 19.59
CA SER B 199 -21.67 2.62 20.81
C SER B 199 -20.96 3.89 21.18
N SER B 200 -20.50 3.94 22.41
CA SER B 200 -19.80 5.19 22.66
C SER B 200 -18.42 5.22 22.02
N ARG B 201 -17.94 4.04 21.56
CA ARG B 201 -16.60 3.88 20.99
C ARG B 201 -16.56 4.27 19.54
N TYR B 202 -17.70 4.37 18.89
CA TYR B 202 -17.70 4.72 17.49
C TYR B 202 -17.15 6.07 17.20
N LEU B 203 -16.39 6.17 16.12
CA LEU B 203 -15.77 7.45 15.79
C LEU B 203 -15.88 7.63 14.28
N SER B 204 -17.05 8.09 13.81
CA SER B 204 -17.38 8.21 12.42
C SER B 204 -16.82 9.37 11.66
N THR B 205 -16.63 10.46 12.38
CA THR B 205 -16.10 11.69 11.84
C THR B 205 -15.35 12.40 12.94
N PRO B 206 -14.41 13.29 12.60
CA PRO B 206 -13.96 13.64 11.23
C PRO B 206 -13.08 12.53 10.72
N ILE B 207 -13.04 12.44 9.39
CA ILE B 207 -12.21 11.48 8.75
C ILE B 207 -10.80 12.01 8.75
N PHE B 208 -10.66 13.32 8.53
CA PHE B 208 -9.36 13.98 8.50
C PHE B 208 -9.09 14.91 9.70
N SER B 209 -7.86 15.36 9.80
CA SER B 209 -7.38 16.34 10.75
C SER B 209 -7.85 17.76 10.39
N LYS B 210 -7.84 18.61 11.41
CA LYS B 210 -8.16 20.00 11.32
C LYS B 210 -7.68 20.59 9.99
N LEU B 211 -6.38 20.52 9.78
CA LEU B 211 -5.75 21.08 8.62
C LEU B 211 -6.51 20.93 7.32
N ALA B 212 -7.03 19.70 7.09
CA ALA B 212 -7.76 19.31 5.87
C ALA B 212 -8.28 20.40 4.88
N GLN B 213 -9.48 20.16 4.33
CA GLN B 213 -10.20 21.01 3.38
C GLN B 213 -11.59 20.42 3.19
N FTR B 214 -11.77 19.31 3.91
CA FTR B 214 -12.98 18.51 3.88
CB FTR B 214 -13.30 17.90 2.50
CG FTR B 214 -14.57 17.10 2.60
CD2 FTR B 214 -14.74 15.68 2.77
CE2 FTR B 214 -16.14 15.45 2.88
CE3 FTR B 214 -13.89 14.57 2.94
CD1 FTR B 214 -15.80 17.65 2.60
NE1 FTR B 214 -16.75 16.66 2.74
CZ2 FTR B 214 -16.68 14.19 3.06
CZ3 FTR B 214 -14.47 13.30 3.12
F FTR B 214 -13.72 12.19 3.19
CH2 FTR B 214 -15.84 13.11 3.13
C FTR B 214 -12.84 17.43 4.93
O FTR B 214 -11.71 17.07 5.26
N SER B 215 -13.98 16.97 5.49
CA SER B 215 -13.97 15.97 6.57
C SER B 215 -12.99 16.28 7.74
N ASN B 216 -13.06 17.54 8.27
CA ASN B 216 -12.15 18.05 9.29
C ASN B 216 -12.68 18.37 10.67
N LYS B 217 -13.85 17.83 10.95
CA LYS B 217 -14.53 17.93 12.23
C LYS B 217 -15.78 17.06 12.25
N1 GPR C . -0.97 0.80 -6.35
CA1 GPR C . -0.53 0.33 -7.66
C1 GPR C . 0.46 -0.80 -7.48
O11 GPR C . 0.52 -1.63 -8.41
O12 GPR C . 1.11 -0.83 -6.41
CB1 GPR C . 0.20 1.43 -8.48
CG1 GPR C . -0.73 2.29 -9.31
CD1 GPR C . 0.04 3.37 -9.95
OE1 GPR C . -0.12 4.56 -9.77
N2 GPR C . 0.33 3.05 -11.19
CA2 GPR C . 0.90 4.09 -12.02
C2 GPR C . 0.11 4.17 -13.33
O2 GPR C . 0.49 4.90 -14.26
CB2 GPR C . 2.13 3.14 -12.36
SG2 GPR C . 3.15 3.36 -11.02
N3 GPR C . -0.98 3.39 -13.36
CA3 GPR C . -1.84 3.28 -14.52
C3 GPR C . -2.90 4.36 -14.62
O31 GPR C . -2.85 5.31 -13.82
O32 GPR C . -3.74 4.21 -15.53
CA4 GPR C . 3.07 5.09 -11.09
CB4 GPR C . 4.16 5.63 -11.97
CG4 GPR C . 3.75 6.08 -13.25
CD4 GPR C . 4.76 6.57 -14.11
CE4 GPR C . 6.12 6.63 -13.76
CZ4 GPR C . 6.49 6.19 -12.44
CH4 GPR C . 5.51 5.70 -11.57
CH5 GPR C . 5.80 5.26 -10.29
CZ5 GPR C . 7.11 4.79 -9.98
CE5 GPR C . 7.39 4.33 -8.71
CD5 GPR C . 6.30 4.41 -7.70
CG5 GPR C . 4.98 4.89 -7.96
CB5 GPR C . 4.76 5.35 -9.36
CA5 GPR C . 3.39 5.87 -9.86
O5 GPR C . 3.37 7.28 -10.33
N1 GPR D . 1.29 3.34 5.08
CA1 GPR D . 0.92 3.68 6.47
C1 GPR D . -0.07 2.69 7.07
O11 GPR D . -0.19 2.64 8.31
O12 GPR D . -0.71 1.92 6.31
CB1 GPR D . 0.45 5.13 6.70
CG1 GPR D . 1.41 6.01 7.50
CD1 GPR D . 0.85 7.36 7.79
OE1 GPR D . 1.17 8.34 7.17
N2 GPR D . 0.54 7.58 9.13
CA2 GPR D . 0.09 8.88 9.55
C2 GPR D . 0.91 9.35 10.73
O2 GPR D . 0.61 10.41 11.28
CB2 GPR D . -1.38 8.85 10.17
SG2 GPR D . -2.45 8.41 8.80
N3 GPR D . 1.91 8.52 11.08
CA3 GPR D . 2.83 8.73 12.19
C3 GPR D . 3.87 9.81 11.97
O31 GPR D . 4.08 10.24 10.80
O32 GPR D . 4.48 10.21 12.99
CA4 GPR D . -2.11 10.03 8.17
CB4 GPR D . -3.30 10.92 8.58
CG4 GPR D . -3.16 11.78 9.69
CD4 GPR D . -4.32 12.54 10.02
CE4 GPR D . -5.56 12.47 9.32
CZ4 GPR D . -5.60 11.62 8.26
CH4 GPR D . -4.48 10.88 7.88
CH5 GPR D . -4.51 9.94 6.83
CZ5 GPR D . -5.79 9.40 6.46
CE5 GPR D . -5.88 8.42 5.45
CD5 GPR D . -4.70 7.96 4.82
CG5 GPR D . -3.42 8.44 5.18
CB5 GPR D . -3.33 9.45 6.21
CA5 GPR D . -2.02 10.02 6.63
O5 GPR D . -2.08 11.38 6.15
#